data_6EFC
#
_entry.id   6EFC
#
_cell.length_a   46.635
_cell.length_b   58.173
_cell.length_c   75.973
_cell.angle_alpha   90.00
_cell.angle_beta   90.00
_cell.angle_gamma   90.00
#
_symmetry.space_group_name_H-M   'P 21 21 21'
#
loop_
_entity.id
_entity.type
_entity.pdbx_description
1 polymer 'Streptococcal hemagglutinin'
2 non-polymer 'CALCIUM ION'
3 non-polymer 'SODIUM ION'
4 water water
#
_entity_poly.entity_id   1
_entity_poly.type   'polypeptide(L)'
_entity_poly.pdbx_seq_one_letter_code
;LNTNQSVSARNQNARVRTRRAVAANDTEAPQVKSGDYVVYRGESFEYYAEITDNSGQVNRVVIRNVEGGANSTYLSPNWV
KYSTENLGRPGNATVQNPLRTRIFGEVPLNEIVNEKSYYTRYIVAWDPSGNATQMVDNANRNGLERFVLTVKSQNEKYDP
AESSVTYVNNLSNLSTSEREAVAAAVRAANPNIPPTAKITVSQNGTVTITYPDKSTDTIPANRVVKDLQISKSN
;
_entity_poly.pdbx_strand_id   A
#
loop_
_chem_comp.id
_chem_comp.type
_chem_comp.name
_chem_comp.formula
CA non-polymer 'CALCIUM ION' 'Ca 2'
NA non-polymer 'SODIUM ION' 'Na 1'
#
# COMPACT_ATOMS: atom_id res chain seq x y z
N ASN A 25 19.54 -23.77 -24.83
CA ASN A 25 19.34 -24.85 -23.86
C ASN A 25 18.77 -24.34 -22.53
N ASP A 26 18.82 -23.02 -22.30
CA ASP A 26 18.09 -22.42 -21.19
C ASP A 26 16.63 -22.30 -21.64
N THR A 27 15.75 -23.11 -21.04
CA THR A 27 14.32 -23.09 -21.36
C THR A 27 13.49 -22.72 -20.13
N GLU A 28 14.13 -22.18 -19.10
CA GLU A 28 13.47 -21.84 -17.85
C GLU A 28 13.33 -20.33 -17.74
N ALA A 29 12.13 -19.87 -17.47
CA ALA A 29 11.88 -18.45 -17.38
C ALA A 29 12.36 -17.89 -16.04
N PRO A 30 12.59 -16.59 -15.98
CA PRO A 30 12.84 -15.95 -14.69
C PRO A 30 11.69 -16.17 -13.71
N GLN A 31 12.06 -16.27 -12.43
CA GLN A 31 11.12 -16.47 -11.34
CA GLN A 31 11.13 -16.47 -11.34
CA GLN A 31 11.11 -16.47 -11.35
C GLN A 31 10.97 -15.17 -10.55
N VAL A 32 9.74 -14.86 -10.14
CA VAL A 32 9.42 -13.57 -9.53
C VAL A 32 8.83 -13.80 -8.15
N LYS A 33 9.24 -12.97 -7.19
CA LYS A 33 8.60 -12.89 -5.87
CA LYS A 33 8.61 -12.89 -5.87
C LYS A 33 8.11 -11.46 -5.70
N SER A 34 6.80 -11.32 -5.44
CA SER A 34 6.21 -9.99 -5.26
C SER A 34 5.73 -9.88 -3.81
N GLY A 35 4.44 -9.60 -3.61
CA GLY A 35 3.93 -9.45 -2.26
C GLY A 35 2.47 -9.06 -2.29
N ASP A 36 1.98 -8.62 -1.15
CA ASP A 36 0.60 -8.16 -0.98
C ASP A 36 0.61 -6.64 -1.04
N TYR A 37 0.35 -6.07 -2.22
CA TYR A 37 0.65 -4.65 -2.45
C TYR A 37 -0.58 -3.79 -2.16
N VAL A 38 -0.74 -3.46 -0.87
CA VAL A 38 -1.82 -2.60 -0.40
C VAL A 38 -1.40 -1.16 -0.52
N VAL A 39 -2.29 -0.31 -1.05
CA VAL A 39 -2.05 1.11 -1.21
C VAL A 39 -3.30 1.86 -0.73
N TYR A 40 -3.15 3.18 -0.53
CA TYR A 40 -4.12 3.96 0.20
C TYR A 40 -4.33 5.30 -0.47
N ARG A 41 -5.59 5.70 -0.60
CA ARG A 41 -5.88 6.98 -1.22
C ARG A 41 -5.16 8.11 -0.50
N GLY A 42 -4.63 9.04 -1.26
CA GLY A 42 -3.93 10.18 -0.72
C GLY A 42 -2.52 9.89 -0.26
N GLU A 43 -2.01 8.69 -0.52
CA GLU A 43 -0.70 8.28 -0.01
C GLU A 43 0.18 7.75 -1.13
N SER A 44 1.49 7.97 -1.00
CA SER A 44 2.45 7.32 -1.87
C SER A 44 2.68 5.90 -1.40
N PHE A 45 3.10 5.05 -2.33
CA PHE A 45 3.46 3.68 -2.02
C PHE A 45 4.75 3.32 -2.74
N GLU A 46 5.43 2.31 -2.21
CA GLU A 46 6.65 1.79 -2.83
C GLU A 46 6.85 0.37 -2.34
N TYR A 47 6.95 -0.55 -3.29
CA TYR A 47 7.23 -1.96 -3.02
C TYR A 47 8.35 -2.39 -3.97
N TYR A 48 9.06 -3.46 -3.60
CA TYR A 48 10.11 -4.01 -4.46
C TYR A 48 9.89 -5.50 -4.66
N ALA A 49 9.71 -5.91 -5.92
CA ALA A 49 9.66 -7.31 -6.27
C ALA A 49 11.07 -7.80 -6.58
N GLU A 50 11.27 -9.11 -6.47
CA GLU A 50 12.60 -9.73 -6.64
C GLU A 50 12.52 -10.77 -7.74
N ILE A 51 13.52 -10.79 -8.61
CA ILE A 51 13.51 -11.63 -9.81
C ILE A 51 14.84 -12.35 -9.92
N THR A 52 14.80 -13.65 -10.19
CA THR A 52 16.00 -14.44 -10.42
C THR A 52 15.85 -15.21 -11.73
N ASP A 53 16.98 -15.61 -12.30
CA ASP A 53 16.97 -16.50 -13.45
C ASP A 53 18.13 -17.48 -13.33
N ASN A 54 17.91 -18.69 -13.86
CA ASN A 54 18.96 -19.72 -13.83
C ASN A 54 20.21 -19.31 -14.60
N SER A 55 20.08 -18.40 -15.57
CA SER A 55 21.24 -17.92 -16.32
C SER A 55 21.97 -16.84 -15.56
N GLY A 56 21.40 -16.36 -14.46
CA GLY A 56 21.91 -15.23 -13.71
C GLY A 56 21.61 -13.88 -14.30
N GLN A 57 20.89 -13.81 -15.42
CA GLN A 57 20.67 -12.54 -16.10
C GLN A 57 19.23 -12.36 -16.54
N VAL A 58 18.73 -11.14 -16.35
CA VAL A 58 17.43 -10.71 -16.83
C VAL A 58 17.63 -9.43 -17.65
N ASN A 59 17.02 -9.38 -18.83
CA ASN A 59 17.20 -8.26 -19.75
C ASN A 59 16.03 -7.29 -19.79
N ARG A 60 14.86 -7.68 -19.32
CA ARG A 60 13.68 -6.83 -19.48
C ARG A 60 12.68 -7.23 -18.41
N VAL A 61 11.97 -6.23 -17.88
CA VAL A 61 10.87 -6.44 -16.94
C VAL A 61 9.69 -5.56 -17.33
N VAL A 62 8.51 -6.18 -17.47
CA VAL A 62 7.26 -5.49 -17.77
C VAL A 62 6.28 -5.86 -16.67
N ILE A 63 5.52 -4.87 -16.22
CA ILE A 63 4.38 -5.08 -15.34
C ILE A 63 3.12 -4.70 -16.12
N ARG A 64 2.12 -5.57 -16.11
CA ARG A 64 1.05 -5.42 -17.09
C ARG A 64 -0.26 -6.01 -16.59
N ASN A 65 -1.33 -5.50 -17.19
CA ASN A 65 -2.63 -6.17 -17.12
C ASN A 65 -2.58 -7.48 -17.93
N VAL A 66 -3.46 -8.42 -17.56
CA VAL A 66 -3.42 -9.74 -18.20
C VAL A 66 -3.79 -9.67 -19.68
N GLU A 67 -4.71 -8.79 -20.04
CA GLU A 67 -5.23 -8.82 -21.39
C GLU A 67 -4.25 -8.15 -22.36
N GLY A 68 -4.43 -8.43 -23.65
CA GLY A 68 -3.71 -7.72 -24.68
C GLY A 68 -2.73 -8.54 -25.49
N GLY A 69 -2.48 -9.79 -25.14
CA GLY A 69 -1.61 -10.62 -25.94
C GLY A 69 -0.14 -10.44 -25.58
N ALA A 70 0.72 -11.12 -26.36
CA ALA A 70 2.10 -11.29 -25.95
C ALA A 70 2.90 -9.99 -26.02
N ASN A 71 2.52 -9.06 -26.90
CA ASN A 71 3.31 -7.84 -27.04
C ASN A 71 2.79 -6.68 -26.20
N SER A 72 1.72 -6.87 -25.44
CA SER A 72 1.13 -5.75 -24.70
C SER A 72 1.97 -5.41 -23.48
N THR A 73 2.13 -4.11 -23.24
CA THR A 73 2.68 -3.60 -22.00
C THR A 73 1.68 -2.73 -21.26
N TYR A 74 0.40 -2.80 -21.64
CA TYR A 74 -0.58 -1.92 -21.02
C TYR A 74 -0.72 -2.25 -19.55
N LEU A 75 -0.67 -1.21 -18.72
CA LEU A 75 -0.81 -1.33 -17.27
C LEU A 75 -1.70 -0.20 -16.80
N SER A 76 -2.74 -0.52 -16.04
CA SER A 76 -3.57 0.49 -15.42
C SER A 76 -3.81 0.11 -13.96
N PRO A 77 -4.23 1.08 -13.11
CA PRO A 77 -4.34 2.52 -13.36
C PRO A 77 -3.02 3.16 -13.78
N ASN A 78 -3.10 4.32 -14.42
CA ASN A 78 -1.90 4.96 -14.95
C ASN A 78 -0.97 5.50 -13.87
N TRP A 79 -1.41 5.55 -12.62
CA TRP A 79 -0.55 6.02 -11.53
C TRP A 79 0.34 4.91 -10.97
N VAL A 80 0.18 3.68 -11.44
CA VAL A 80 1.12 2.63 -11.07
C VAL A 80 2.35 2.73 -11.95
N LYS A 81 3.49 3.02 -11.33
CA LYS A 81 4.78 3.16 -12.00
C LYS A 81 5.72 2.04 -11.57
N TYR A 82 6.76 1.80 -12.38
CA TYR A 82 7.77 0.83 -11.99
C TYR A 82 9.08 1.12 -12.71
N SER A 83 10.16 0.63 -12.11
CA SER A 83 11.50 0.82 -12.66
C SER A 83 12.38 -0.33 -12.17
N THR A 84 13.37 -0.68 -13.00
CA THR A 84 14.29 -1.78 -12.66
C THR A 84 15.71 -1.33 -12.94
N GLU A 85 16.54 -1.22 -11.90
CA GLU A 85 17.94 -0.90 -12.08
C GLU A 85 18.72 -2.13 -12.55
N ASN A 86 19.80 -1.87 -13.31
CA ASN A 86 20.83 -2.86 -13.62
CA ASN A 86 20.83 -2.88 -13.61
C ASN A 86 20.34 -3.97 -14.57
N LEU A 87 19.48 -3.63 -15.51
CA LEU A 87 19.02 -4.60 -16.50
C LEU A 87 20.13 -4.94 -17.49
N GLY A 88 20.06 -6.16 -18.02
CA GLY A 88 20.94 -6.54 -19.11
C GLY A 88 22.40 -6.75 -18.77
N ARG A 89 22.72 -7.09 -17.51
CA ARG A 89 24.09 -7.29 -17.09
C ARG A 89 24.25 -8.70 -16.55
N PRO A 90 25.38 -9.36 -16.81
CA PRO A 90 25.60 -10.70 -16.25
C PRO A 90 25.46 -10.70 -14.75
N GLY A 91 24.86 -11.76 -14.23
CA GLY A 91 24.76 -11.91 -12.79
C GLY A 91 23.88 -10.89 -12.10
N ASN A 92 22.97 -10.25 -12.82
CA ASN A 92 22.10 -9.26 -12.20
C ASN A 92 20.86 -9.88 -11.59
N ALA A 93 20.69 -11.20 -11.66
CA ALA A 93 19.46 -11.85 -11.23
C ALA A 93 19.74 -13.21 -10.62
N THR A 94 20.55 -13.24 -9.54
CA THR A 94 20.91 -14.47 -8.86
C THR A 94 20.20 -14.56 -7.52
N VAL A 95 20.18 -15.77 -6.96
CA VAL A 95 19.55 -15.96 -5.66
C VAL A 95 20.21 -15.07 -4.60
N GLN A 96 21.53 -14.90 -4.69
CA GLN A 96 22.23 -14.13 -3.67
C GLN A 96 22.03 -12.64 -3.80
N ASN A 97 21.60 -12.14 -4.95
CA ASN A 97 21.39 -10.71 -5.15
C ASN A 97 20.36 -10.55 -6.24
N PRO A 98 19.09 -10.82 -5.93
CA PRO A 98 18.07 -10.83 -6.98
C PRO A 98 17.94 -9.46 -7.63
N LEU A 99 17.50 -9.48 -8.88
CA LEU A 99 17.13 -8.22 -9.51
C LEU A 99 15.91 -7.70 -8.77
N ARG A 100 15.81 -6.40 -8.60
CA ARG A 100 14.69 -5.81 -7.88
C ARG A 100 14.01 -4.77 -8.74
N THR A 101 12.68 -4.84 -8.78
CA THR A 101 11.84 -3.91 -9.52
C THR A 101 11.05 -3.06 -8.52
N ARG A 102 11.25 -1.76 -8.58
CA ARG A 102 10.51 -0.81 -7.77
C ARG A 102 9.12 -0.60 -8.36
N ILE A 103 8.09 -0.74 -7.53
CA ILE A 103 6.69 -0.55 -7.93
C ILE A 103 6.14 0.55 -7.02
N PHE A 104 5.71 1.66 -7.60
CA PHE A 104 5.55 2.87 -6.81
C PHE A 104 4.51 3.77 -7.44
N GLY A 105 4.05 4.73 -6.65
CA GLY A 105 3.17 5.75 -7.20
C GLY A 105 2.49 6.52 -6.09
N GLU A 106 1.59 7.40 -6.51
N GLU A 106 1.54 7.35 -6.52
CA GLU A 106 0.74 8.18 -5.63
CA GLU A 106 0.75 8.19 -5.63
C GLU A 106 -0.70 7.82 -5.94
C GLU A 106 -0.73 7.92 -5.93
N VAL A 107 -1.47 7.47 -4.92
CA VAL A 107 -2.87 7.10 -5.10
C VAL A 107 -3.75 8.34 -5.05
N PRO A 108 -4.54 8.65 -6.07
CA PRO A 108 -5.40 9.84 -6.00
C PRO A 108 -6.44 9.74 -4.91
N LEU A 109 -6.88 10.91 -4.44
CA LEU A 109 -7.95 10.97 -3.46
C LEU A 109 -9.27 10.45 -4.04
N ASN A 110 -9.45 10.52 -5.35
CA ASN A 110 -10.74 10.21 -5.95
C ASN A 110 -10.85 8.76 -6.43
N GLU A 111 -9.93 7.88 -6.05
CA GLU A 111 -10.13 6.47 -6.39
C GLU A 111 -11.40 5.94 -5.77
N ILE A 112 -12.05 5.03 -6.45
CA ILE A 112 -13.27 4.39 -5.91
C ILE A 112 -12.87 3.19 -5.07
N VAL A 113 -13.37 3.10 -3.88
CA VAL A 113 -13.19 1.94 -2.99
C VAL A 113 -14.53 1.62 -2.30
N ASN A 114 -14.64 0.47 -1.67
CA ASN A 114 -15.77 0.14 -0.79
C ASN A 114 -15.03 0.06 0.53
N GLU A 115 -14.69 -1.13 1.00
CA GLU A 115 -13.59 -1.24 1.95
C GLU A 115 -12.34 -1.08 1.08
N LYS A 116 -12.39 -1.67 -0.12
CA LYS A 116 -11.27 -1.73 -1.07
C LYS A 116 -11.71 -1.88 -2.53
N SER A 117 -10.72 -1.84 -3.42
CA SER A 117 -10.80 -2.20 -4.85
C SER A 117 -9.56 -3.05 -5.12
N TYR A 118 -9.65 -4.02 -6.02
CA TYR A 118 -8.56 -4.93 -6.36
C TYR A 118 -8.18 -4.75 -7.82
N TYR A 119 -6.87 -4.79 -8.09
CA TYR A 119 -6.33 -4.86 -9.45
C TYR A 119 -5.28 -5.96 -9.47
N THR A 120 -5.51 -6.97 -10.30
CA THR A 120 -4.59 -8.10 -10.41
C THR A 120 -3.65 -7.82 -11.57
N ARG A 121 -2.34 -7.89 -11.31
CA ARG A 121 -1.35 -7.54 -12.32
C ARG A 121 -0.25 -8.58 -12.33
N TYR A 122 0.58 -8.51 -13.38
CA TYR A 122 1.57 -9.53 -13.67
C TYR A 122 2.93 -8.89 -13.94
N ILE A 123 3.97 -9.53 -13.42
CA ILE A 123 5.36 -9.14 -13.64
C ILE A 123 5.95 -10.17 -14.58
N VAL A 124 6.39 -9.70 -15.75
CA VAL A 124 6.97 -10.57 -16.77
C VAL A 124 8.42 -10.16 -16.95
N ALA A 125 9.32 -11.12 -16.81
CA ALA A 125 10.74 -10.90 -17.00
C ALA A 125 11.26 -11.83 -18.09
N TRP A 126 12.28 -11.35 -18.81
CA TRP A 126 12.88 -12.09 -19.93
C TRP A 126 14.36 -12.33 -19.65
N ASP A 127 14.81 -13.56 -19.88
CA ASP A 127 16.23 -13.90 -19.83
C ASP A 127 16.86 -13.73 -21.21
N PRO A 128 18.19 -13.90 -21.31
CA PRO A 128 18.84 -13.65 -22.62
C PRO A 128 18.39 -14.60 -23.71
N SER A 129 17.86 -15.76 -23.37
CA SER A 129 17.35 -16.69 -24.38
C SER A 129 15.92 -16.36 -24.83
N GLY A 130 15.32 -15.32 -24.27
CA GLY A 130 13.98 -14.91 -24.63
C GLY A 130 12.87 -15.61 -23.88
N ASN A 131 13.19 -16.42 -22.86
CA ASN A 131 12.16 -17.03 -22.05
C ASN A 131 11.54 -15.97 -21.16
N ALA A 132 10.22 -15.93 -21.15
CA ALA A 132 9.46 -14.93 -20.42
C ALA A 132 8.65 -15.62 -19.33
N THR A 133 8.60 -14.99 -18.16
CA THR A 133 7.73 -15.49 -17.10
C THR A 133 6.30 -15.59 -17.63
N GLN A 134 5.65 -16.71 -17.34
CA GLN A 134 4.30 -16.94 -17.83
C GLN A 134 3.25 -16.37 -16.88
N MET A 135 2.21 -15.77 -17.46
CA MET A 135 1.07 -15.27 -16.73
C MET A 135 0.04 -16.39 -16.59
N VAL A 136 -0.27 -16.72 -15.35
CA VAL A 136 -1.22 -17.76 -15.00
C VAL A 136 -2.28 -17.10 -14.12
N ASP A 137 -3.53 -17.14 -14.59
CA ASP A 137 -4.63 -16.41 -13.94
CA ASP A 137 -4.63 -16.41 -13.95
C ASP A 137 -5.23 -17.28 -12.84
N ASN A 138 -4.56 -17.29 -11.70
CA ASN A 138 -4.99 -18.07 -10.55
C ASN A 138 -4.45 -17.39 -9.29
N ALA A 139 -5.30 -17.26 -8.27
CA ALA A 139 -4.90 -16.61 -7.03
C ALA A 139 -3.77 -17.36 -6.32
N ASN A 140 -3.59 -18.65 -6.62
N ASN A 140 -3.59 -18.65 -6.63
CA ASN A 140 -2.49 -19.38 -6.00
CA ASN A 140 -2.50 -19.38 -6.01
C ASN A 140 -1.13 -18.82 -6.41
C ASN A 140 -1.13 -18.99 -6.57
N ARG A 141 -1.07 -18.04 -7.49
CA ARG A 141 0.18 -17.42 -7.91
C ARG A 141 0.40 -16.05 -7.28
N ASN A 142 -0.56 -15.56 -6.50
CA ASN A 142 -0.40 -14.25 -5.90
C ASN A 142 0.83 -14.24 -5.01
N GLY A 143 1.61 -13.17 -5.10
CA GLY A 143 2.84 -13.05 -4.36
C GLY A 143 4.04 -13.59 -5.10
N LEU A 144 3.82 -14.19 -6.26
CA LEU A 144 4.91 -14.59 -7.15
C LEU A 144 4.92 -13.59 -8.30
N GLU A 145 4.78 -14.07 -9.54
CA GLU A 145 4.72 -13.14 -10.66
C GLU A 145 3.39 -12.40 -10.76
N ARG A 146 2.35 -12.90 -10.09
CA ARG A 146 1.03 -12.28 -10.06
C ARG A 146 0.92 -11.56 -8.73
N PHE A 147 0.37 -10.36 -8.74
CA PHE A 147 0.11 -9.70 -7.48
C PHE A 147 -1.21 -8.95 -7.52
N VAL A 148 -1.78 -8.76 -6.34
CA VAL A 148 -2.98 -7.96 -6.18
C VAL A 148 -2.56 -6.61 -5.63
N LEU A 149 -2.96 -5.56 -6.33
CA LEU A 149 -2.87 -4.19 -5.84
C LEU A 149 -4.22 -3.88 -5.23
N THR A 150 -4.26 -3.69 -3.90
CA THR A 150 -5.50 -3.44 -3.17
C THR A 150 -5.49 -1.97 -2.81
N VAL A 151 -6.50 -1.23 -3.27
CA VAL A 151 -6.64 0.19 -2.95
C VAL A 151 -7.65 0.31 -1.82
N LYS A 152 -7.23 0.94 -0.73
CA LYS A 152 -8.06 1.13 0.45
C LYS A 152 -8.21 2.61 0.74
N SER A 153 -9.24 2.94 1.50
CA SER A 153 -9.38 4.31 1.97
C SER A 153 -8.24 4.66 2.92
N GLN A 154 -7.98 5.96 3.02
CA GLN A 154 -6.82 6.45 3.74
C GLN A 154 -6.85 6.07 5.21
N ASN A 155 -8.05 6.03 5.81
CA ASN A 155 -8.17 5.67 7.23
C ASN A 155 -7.53 4.32 7.52
N GLU A 156 -7.53 3.42 6.55
CA GLU A 156 -7.06 2.06 6.78
C GLU A 156 -5.55 1.99 6.99
N LYS A 157 -4.81 3.02 6.57
CA LYS A 157 -3.37 3.04 6.76
C LYS A 157 -2.98 3.31 8.20
N TYR A 158 -3.89 3.89 8.96
CA TYR A 158 -3.57 4.42 10.28
C TYR A 158 -4.40 3.71 11.35
N ASP A 159 -3.74 3.43 12.47
CA ASP A 159 -4.39 2.85 13.64
CA ASP A 159 -4.39 2.85 13.64
C ASP A 159 -4.18 3.84 14.78
N PRO A 160 -5.09 4.80 14.97
CA PRO A 160 -4.90 5.81 15.99
C PRO A 160 -4.60 5.27 17.40
N ALA A 161 -3.52 5.68 18.01
CA ALA A 161 -3.20 5.30 19.40
C ALA A 161 -4.33 5.78 20.32
N GLU A 162 -4.96 4.90 21.12
CA GLU A 162 -6.07 5.18 22.07
C GLU A 162 -5.52 5.27 23.49
N SER A 163 -4.23 5.54 23.51
CA SER A 163 -3.46 6.11 24.61
C SER A 163 -3.83 7.60 24.51
N SER A 164 -3.83 8.21 25.69
CA SER A 164 -4.00 9.61 26.13
C SER A 164 -5.22 9.62 27.06
N VAL A 165 -5.19 10.39 28.14
CA VAL A 165 -6.39 10.54 28.99
C VAL A 165 -6.56 12.00 29.37
N THR A 166 -7.72 12.60 29.07
CA THR A 166 -8.03 13.98 29.40
C THR A 166 -9.14 13.95 30.44
N TYR A 167 -8.93 14.58 31.58
CA TYR A 167 -9.96 14.70 32.64
C TYR A 167 -10.79 15.93 32.33
N VAL A 168 -12.10 15.75 32.33
CA VAL A 168 -13.05 16.81 32.04
C VAL A 168 -13.98 16.93 33.23
N ASN A 169 -14.77 18.00 33.25
CA ASN A 169 -15.65 18.21 34.39
C ASN A 169 -16.84 17.25 34.37
N ASN A 170 -17.46 17.04 33.20
CA ASN A 170 -18.65 16.21 33.12
C ASN A 170 -18.66 15.55 31.75
N LEU A 171 -18.61 14.21 31.75
CA LEU A 171 -18.46 13.44 30.52
C LEU A 171 -19.62 13.62 29.56
N SER A 172 -20.77 14.09 30.03
CA SER A 172 -21.90 14.27 29.12
C SER A 172 -21.98 15.68 28.54
N ASN A 173 -21.03 16.55 28.89
CA ASN A 173 -21.08 17.93 28.44
C ASN A 173 -19.68 18.56 28.43
N LEU A 174 -18.88 18.26 27.42
CA LEU A 174 -17.55 18.87 27.31
C LEU A 174 -17.68 20.28 26.77
N SER A 175 -16.90 21.20 27.34
CA SER A 175 -16.82 22.56 26.84
C SER A 175 -15.93 22.61 25.60
N THR A 176 -15.93 23.77 24.92
CA THR A 176 -15.04 23.94 23.78
C THR A 176 -13.59 23.71 24.19
N SER A 177 -13.19 24.27 25.34
CA SER A 177 -11.82 24.10 25.83
C SER A 177 -11.49 22.63 26.04
N GLU A 178 -12.42 21.87 26.60
CA GLU A 178 -12.19 20.45 26.85
C GLU A 178 -12.12 19.66 25.54
N ARG A 179 -12.96 20.01 24.58
CA ARG A 179 -12.92 19.34 23.28
C ARG A 179 -11.59 19.62 22.59
N GLU A 180 -11.09 20.85 22.68
CA GLU A 180 -9.79 21.16 22.10
C GLU A 180 -8.69 20.41 22.82
N ALA A 181 -8.78 20.27 24.14
CA ALA A 181 -7.79 19.53 24.90
C ALA A 181 -7.75 18.08 24.47
N VAL A 182 -8.91 17.45 24.28
CA VAL A 182 -8.93 16.07 23.83
C VAL A 182 -8.29 15.95 22.47
N ALA A 183 -8.63 16.86 21.55
CA ALA A 183 -8.09 16.76 20.20
C ALA A 183 -6.59 16.91 20.20
N ALA A 184 -6.07 17.83 21.02
CA ALA A 184 -4.64 18.04 21.11
C ALA A 184 -3.93 16.83 21.70
N ALA A 185 -4.56 16.15 22.65
CA ALA A 185 -3.97 14.95 23.21
C ALA A 185 -3.92 13.85 22.18
N VAL A 186 -4.98 13.69 21.38
CA VAL A 186 -4.96 12.68 20.32
C VAL A 186 -3.88 12.99 19.30
N ARG A 187 -3.76 14.25 18.91
CA ARG A 187 -2.72 14.62 17.95
C ARG A 187 -1.32 14.31 18.52
N ALA A 188 -1.08 14.66 19.79
CA ALA A 188 0.25 14.45 20.35
C ALA A 188 0.59 12.97 20.40
N ALA A 189 -0.40 12.11 20.59
CA ALA A 189 -0.16 10.68 20.61
C ALA A 189 -0.11 10.07 19.21
N ASN A 190 -0.35 10.85 18.16
CA ASN A 190 -0.44 10.31 16.80
C ASN A 190 0.35 11.19 15.83
N PRO A 191 1.67 11.27 15.99
CA PRO A 191 2.47 12.11 15.09
C PRO A 191 2.48 11.63 13.64
N ASN A 192 2.13 10.39 13.38
CA ASN A 192 2.25 9.84 12.03
C ASN A 192 0.98 10.01 11.21
N ILE A 193 -0.13 10.42 11.81
CA ILE A 193 -1.36 10.69 11.10
CA ILE A 193 -1.36 10.68 11.06
C ILE A 193 -1.12 11.91 10.19
N PRO A 194 -1.74 12.02 9.02
CA PRO A 194 -1.42 13.14 8.13
C PRO A 194 -1.64 14.48 8.79
N PRO A 195 -0.70 15.41 8.65
CA PRO A 195 -0.85 16.73 9.29
C PRO A 195 -2.18 17.40 8.99
N THR A 196 -2.68 17.26 7.76
CA THR A 196 -3.91 17.94 7.38
C THR A 196 -5.16 17.11 7.68
N ALA A 197 -5.01 15.92 8.27
CA ALA A 197 -6.17 15.26 8.83
C ALA A 197 -6.76 16.15 9.91
N LYS A 198 -8.08 16.12 10.05
CA LYS A 198 -8.76 16.98 11.01
C LYS A 198 -9.30 16.13 12.15
N ILE A 199 -8.91 16.49 13.37
CA ILE A 199 -9.36 15.80 14.58
C ILE A 199 -10.43 16.67 15.24
N THR A 200 -11.63 16.12 15.35
CA THR A 200 -12.75 16.81 16.00
C THR A 200 -13.26 15.97 17.16
N VAL A 201 -13.81 16.65 18.16
CA VAL A 201 -14.30 15.99 19.37
C VAL A 201 -15.68 16.54 19.69
N SER A 202 -16.63 15.65 19.96
CA SER A 202 -18.01 16.05 20.20
C SER A 202 -18.23 16.42 21.67
N GLN A 203 -19.45 16.87 21.96
CA GLN A 203 -19.79 17.28 23.32
C GLN A 203 -19.77 16.12 24.31
N ASN A 204 -19.74 14.87 23.84
CA ASN A 204 -19.62 13.74 24.76
C ASN A 204 -18.23 13.11 24.74
N GLY A 205 -17.28 13.71 24.01
CA GLY A 205 -15.92 13.23 24.00
C GLY A 205 -15.59 12.26 22.91
N THR A 206 -16.52 11.95 22.00
CA THR A 206 -16.23 11.04 20.89
C THR A 206 -15.31 11.74 19.89
N VAL A 207 -14.26 11.05 19.47
CA VAL A 207 -13.24 11.64 18.60
C VAL A 207 -13.50 11.15 17.18
N THR A 208 -13.45 12.07 16.22
CA THR A 208 -13.48 11.73 14.80
C THR A 208 -12.20 12.26 14.16
N ILE A 209 -11.50 11.38 13.46
CA ILE A 209 -10.36 11.78 12.65
C ILE A 209 -10.79 11.68 11.20
N THR A 210 -10.78 12.81 10.50
CA THR A 210 -11.19 12.86 9.10
C THR A 210 -9.95 13.06 8.26
N TYR A 211 -9.62 12.06 7.45
CA TYR A 211 -8.41 12.04 6.65
C TYR A 211 -8.60 12.89 5.40
N PRO A 212 -7.51 13.21 4.70
CA PRO A 212 -7.66 14.01 3.47
C PRO A 212 -8.61 13.44 2.42
N ASP A 213 -8.76 12.11 2.35
CA ASP A 213 -9.69 11.50 1.39
C ASP A 213 -11.10 11.42 1.94
N LYS A 214 -11.32 11.98 3.12
CA LYS A 214 -12.62 12.17 3.78
C LYS A 214 -13.15 10.87 4.38
N SER A 215 -12.36 9.80 4.38
CA SER A 215 -12.68 8.67 5.24
C SER A 215 -12.39 9.07 6.69
N THR A 216 -12.90 8.28 7.63
CA THR A 216 -12.75 8.63 9.04
C THR A 216 -12.39 7.44 9.89
N ASP A 217 -11.74 7.72 11.00
CA ASP A 217 -11.67 6.83 12.16
C ASP A 217 -12.41 7.51 13.30
N THR A 218 -12.99 6.71 14.19
CA THR A 218 -13.64 7.20 15.39
C THR A 218 -13.00 6.55 16.61
N ILE A 219 -12.93 7.29 17.70
CA ILE A 219 -12.42 6.79 19.00
C ILE A 219 -13.52 7.03 20.02
N PRO A 220 -14.08 6.01 20.64
CA PRO A 220 -15.06 6.19 21.71
C PRO A 220 -14.52 7.05 22.86
N ALA A 221 -15.42 7.81 23.47
CA ALA A 221 -15.02 8.75 24.50
C ALA A 221 -14.29 8.08 25.65
N ASN A 222 -14.70 6.88 26.04
CA ASN A 222 -14.12 6.28 27.24
C ASN A 222 -12.69 5.82 27.00
N ARG A 223 -12.15 5.99 25.82
CA ARG A 223 -10.72 5.68 25.60
C ARG A 223 -9.90 6.95 25.73
N VAL A 224 -10.51 8.13 25.77
CA VAL A 224 -9.73 9.39 25.82
C VAL A 224 -10.13 10.29 26.98
N VAL A 225 -11.33 10.18 27.55
CA VAL A 225 -11.77 11.12 28.56
C VAL A 225 -12.26 10.38 29.79
N LYS A 226 -12.10 11.05 30.93
CA LYS A 226 -12.70 10.66 32.19
C LYS A 226 -13.14 11.93 32.92
N ASP A 227 -13.99 11.76 33.92
CA ASP A 227 -14.29 12.85 34.85
C ASP A 227 -14.16 12.32 36.26
N LEU A 228 -14.35 13.20 37.24
CA LEU A 228 -14.23 12.85 38.65
C LEU A 228 -15.58 12.95 39.37
N GLN A 229 -16.65 12.54 38.69
CA GLN A 229 -17.99 12.59 39.27
C GLN A 229 -18.24 11.29 40.03
CA CA B . 16.43 -18.86 -17.81
NA NA C . -7.71 3.52 10.74
#